data_3WCY
#
_entry.id   3WCY
#
_cell.length_a   54.591
_cell.length_b   54.591
_cell.length_c   239.801
_cell.angle_alpha   90.00
_cell.angle_beta   90.00
_cell.angle_gamma   90.00
#
_symmetry.space_group_name_H-M   'P 43'
#
loop_
_entity.id
_entity.type
_entity.pdbx_description
1 polymer 'Interferon alpha/beta receptor 1'
2 polymer 'Interferon beta'
#
loop_
_entity_poly.entity_id
_entity_poly.type
_entity_poly.pdbx_seq_one_letter_code
_entity_poly.pdbx_strand_id
1 'polypeptide(L)'
;ENLKPPENIDVYIIDDNYTLKWSSHGESMGSVTFSAEYRTKDEAKWLKVPECQHTTTTKCEFSLLDTNVYIKTQFRVRAE
EGNSTSSWNEVDPFIPFYTAHMSPPEVRLEAEDKAILVHISPPGQDGNMWALEKPSFSYTIRIWQKSSSDKKTINSTYYV
EKIPELLPETTYCLEVKAIHPSLKKHSNYSTVQCISTTVANKMPVPGNLQVDAQGKSYVLKWDYIASADVLFRAQWLPGY
SKSSSGSRSDKWKPIPTCANVQTTHCVFSQDTVYTGTFFLHVQASEGNHTSFWSEEKFIDSQKHILPPPPVITVTAMSDT
LLVYVNCQDSTCDGLNYEIIFWENTSNTKISMEKDGPEFTLKNLQPLTVYCVQARVLFRALLNKTSNFSEKLCEKTRPGS
FST
;
A
2 'polypeptide(L)'
;INYKQLQLQERTNIRKCQELLEQLNGKINLTYRADFKIPMEMTEKMQKSYTAFAIQEMLQNVFLVFRNNFSSTGWNETIV
VRLLDELHQQTVFLKTVLEEKQEERLTWEMSSTALHLKSYYWRVQRYLKLMKYNSYAWMVVRAEIFRNFLIIRRLTRNFQ
N
;
I
#
# COMPACT_ATOMS: atom_id res chain seq x y z
N ILE A 9 5.45 -11.47 -39.74
CA ILE A 9 4.44 -10.47 -39.36
C ILE A 9 4.38 -10.32 -37.83
N ASP A 10 4.25 -9.07 -37.34
CA ASP A 10 4.19 -8.74 -35.92
C ASP A 10 2.78 -8.46 -35.40
N VAL A 11 2.53 -8.77 -34.12
CA VAL A 11 1.24 -8.58 -33.46
C VAL A 11 1.34 -7.50 -32.35
N TYR A 12 0.52 -6.44 -32.47
CA TYR A 12 0.48 -5.37 -31.49
C TYR A 12 -0.61 -5.63 -30.46
N ILE A 13 -0.26 -5.55 -29.17
CA ILE A 13 -1.19 -5.77 -28.08
C ILE A 13 -1.23 -4.55 -27.17
N ILE A 14 -2.41 -3.94 -27.08
CA ILE A 14 -2.70 -2.81 -26.21
C ILE A 14 -3.82 -3.28 -25.28
N ASP A 15 -3.42 -3.74 -24.07
CA ASP A 15 -4.30 -4.32 -23.05
C ASP A 15 -4.87 -5.62 -23.64
N ASP A 16 -6.21 -5.71 -23.77
CA ASP A 16 -6.87 -6.92 -24.28
C ASP A 16 -7.25 -6.82 -25.77
N ASN A 17 -6.75 -5.76 -26.42
CA ASN A 17 -6.96 -5.51 -27.85
C ASN A 17 -5.73 -5.99 -28.63
N TYR A 18 -5.99 -6.73 -29.72
CA TYR A 18 -4.95 -7.30 -30.60
C TYR A 18 -5.08 -6.72 -32.01
N THR A 19 -3.94 -6.63 -32.73
CA THR A 19 -3.85 -6.11 -34.11
C THR A 19 -2.85 -6.86 -34.97
N LEU A 20 -3.13 -6.95 -36.29
CA LEU A 20 -2.30 -7.64 -37.28
C LEU A 20 -1.82 -6.70 -38.38
N SER A 63 -15.21 -11.57 -24.96
CA SER A 63 -15.87 -10.53 -24.17
C SER A 63 -16.04 -10.94 -22.70
N LEU A 64 -16.53 -12.18 -22.47
CA LEU A 64 -16.75 -12.77 -21.15
C LEU A 64 -15.88 -14.03 -21.01
N LEU A 65 -15.54 -14.67 -22.14
CA LEU A 65 -14.73 -15.88 -22.23
C LEU A 65 -13.37 -15.58 -22.90
N ASP A 66 -12.25 -15.87 -22.18
CA ASP A 66 -10.87 -15.62 -22.66
C ASP A 66 -9.80 -16.54 -22.04
N THR A 67 -8.70 -16.77 -22.78
CA THR A 67 -7.58 -17.62 -22.36
C THR A 67 -6.60 -16.96 -21.36
N ASN A 68 -5.73 -17.78 -20.73
CA ASN A 68 -4.72 -17.38 -19.75
C ASN A 68 -3.65 -16.50 -20.40
N VAL A 69 -3.48 -15.28 -19.88
CA VAL A 69 -2.52 -14.28 -20.35
C VAL A 69 -1.07 -14.55 -19.93
N TYR A 70 -0.82 -15.59 -19.09
CA TYR A 70 0.52 -15.92 -18.58
C TYR A 70 1.11 -17.22 -19.10
N ILE A 71 0.36 -17.98 -19.93
CA ILE A 71 0.79 -19.25 -20.51
C ILE A 71 1.29 -19.06 -21.96
N LYS A 72 1.69 -20.17 -22.64
CA LYS A 72 2.16 -20.12 -24.03
C LYS A 72 0.95 -20.07 -24.98
N THR A 73 0.89 -19.03 -25.82
CA THR A 73 -0.20 -18.77 -26.78
C THR A 73 0.34 -18.53 -28.20
N GLN A 74 -0.46 -18.89 -29.24
CA GLN A 74 -0.14 -18.74 -30.66
C GLN A 74 -1.35 -18.33 -31.52
N PHE A 75 -1.09 -17.82 -32.73
CA PHE A 75 -2.13 -17.40 -33.67
C PHE A 75 -1.95 -18.00 -35.07
N ARG A 76 -3.06 -18.34 -35.75
CA ARG A 76 -3.10 -18.86 -37.12
C ARG A 76 -4.18 -18.14 -37.89
N VAL A 77 -3.77 -17.41 -38.95
CA VAL A 77 -4.65 -16.62 -39.81
C VAL A 77 -4.50 -17.10 -41.25
N ARG A 78 -5.64 -17.33 -41.94
CA ARG A 78 -5.69 -17.76 -43.34
C ARG A 78 -6.97 -17.29 -44.04
N SER A 87 -0.78 -15.87 -46.48
CA SER A 87 0.59 -15.82 -45.98
C SER A 87 0.93 -17.02 -45.09
N TRP A 88 -0.10 -17.80 -44.66
CA TRP A 88 0.01 -18.98 -43.78
C TRP A 88 0.65 -18.64 -42.42
N ASN A 89 -0.05 -17.81 -41.63
CA ASN A 89 0.37 -17.33 -40.33
C ASN A 89 0.53 -18.44 -39.29
N GLU A 90 1.68 -18.38 -38.61
CA GLU A 90 2.15 -19.33 -37.63
C GLU A 90 3.55 -18.84 -37.19
N VAL A 91 3.56 -17.95 -36.20
CA VAL A 91 4.71 -17.17 -35.81
C VAL A 91 5.42 -17.82 -34.65
N ASP A 92 6.19 -17.03 -33.91
CA ASP A 92 6.92 -17.55 -32.75
C ASP A 92 5.97 -17.59 -31.52
N PRO A 93 5.82 -18.76 -30.83
CA PRO A 93 4.95 -18.81 -29.63
C PRO A 93 5.47 -17.91 -28.51
N PHE A 94 4.57 -17.11 -27.90
CA PHE A 94 4.94 -16.16 -26.84
C PHE A 94 3.91 -16.04 -25.69
N ILE A 95 4.35 -15.45 -24.57
CA ILE A 95 3.52 -15.16 -23.41
C ILE A 95 3.01 -13.71 -23.61
N PRO A 96 1.69 -13.49 -23.80
CA PRO A 96 1.19 -12.12 -24.07
C PRO A 96 1.49 -11.02 -23.05
N PHE A 97 1.73 -11.38 -21.78
CA PHE A 97 2.03 -10.47 -20.67
C PHE A 97 3.32 -9.64 -20.81
N TYR A 98 4.26 -10.06 -21.67
CA TYR A 98 5.51 -9.34 -21.89
C TYR A 98 5.42 -8.33 -23.05
N THR A 99 4.66 -8.65 -24.11
CA THR A 99 4.50 -7.81 -25.29
C THR A 99 3.35 -6.80 -25.21
N ALA A 100 2.46 -6.97 -24.21
CA ALA A 100 1.28 -6.10 -24.03
C ALA A 100 1.61 -4.71 -23.49
N HIS A 101 1.05 -3.67 -24.14
CA HIS A 101 1.22 -2.27 -23.77
C HIS A 101 0.08 -1.83 -22.86
N MET A 102 0.29 -0.72 -22.14
CA MET A 102 -0.69 -0.14 -21.23
C MET A 102 -1.39 1.06 -21.86
N SER A 103 -2.73 0.98 -22.02
CA SER A 103 -3.54 2.08 -22.56
C SER A 103 -3.66 3.14 -21.46
N PRO A 104 -3.84 4.45 -21.78
CA PRO A 104 -3.93 5.45 -20.70
C PRO A 104 -5.08 5.20 -19.72
N PRO A 105 -4.99 5.61 -18.43
CA PRO A 105 -6.10 5.35 -17.49
C PRO A 105 -7.31 6.26 -17.74
N GLU A 106 -8.53 5.74 -17.54
CA GLU A 106 -9.74 6.54 -17.73
C GLU A 106 -9.85 7.55 -16.56
N VAL A 107 -10.08 8.84 -16.87
CA VAL A 107 -10.14 9.89 -15.85
C VAL A 107 -11.37 10.79 -15.96
N ARG A 108 -12.09 10.97 -14.83
CA ARG A 108 -13.26 11.85 -14.75
C ARG A 108 -13.00 12.85 -13.64
N LEU A 109 -13.15 14.15 -13.96
CA LEU A 109 -12.92 15.25 -13.02
C LEU A 109 -14.19 15.72 -12.32
N GLU A 110 -14.03 16.13 -11.06
CA GLU A 110 -15.10 16.65 -10.19
C GLU A 110 -14.47 17.82 -9.42
N ALA A 111 -15.10 19.01 -9.44
CA ALA A 111 -14.52 20.18 -8.76
C ALA A 111 -15.32 20.69 -7.56
N GLU A 112 -14.61 21.38 -6.64
CA GLU A 112 -15.16 21.97 -5.42
C GLU A 112 -14.62 23.43 -5.36
N ASP A 113 -14.53 24.05 -4.16
CA ASP A 113 -14.11 25.46 -4.03
C ASP A 113 -12.60 25.55 -4.25
N LYS A 114 -11.84 24.91 -3.34
CA LYS A 114 -10.37 24.91 -3.30
C LYS A 114 -9.77 23.54 -3.67
N ALA A 115 -10.58 22.66 -4.31
CA ALA A 115 -10.12 21.32 -4.67
C ALA A 115 -10.69 20.74 -5.97
N ILE A 116 -9.96 19.75 -6.54
CA ILE A 116 -10.34 18.95 -7.71
C ILE A 116 -10.13 17.47 -7.39
N LEU A 117 -11.18 16.66 -7.61
CA LEU A 117 -11.20 15.22 -7.41
C LEU A 117 -10.92 14.54 -8.75
N VAL A 118 -9.82 13.76 -8.82
CA VAL A 118 -9.42 13.03 -10.03
C VAL A 118 -9.76 11.54 -9.84
N HIS A 119 -10.84 11.10 -10.49
CA HIS A 119 -11.33 9.72 -10.43
C HIS A 119 -10.62 8.92 -11.51
N ILE A 120 -9.62 8.13 -11.09
CA ILE A 120 -8.82 7.31 -11.99
C ILE A 120 -9.38 5.89 -12.07
N SER A 121 -9.58 5.43 -13.30
CA SER A 121 -10.00 4.06 -13.59
C SER A 121 -8.76 3.38 -14.20
N PRO A 122 -8.32 2.19 -13.69
CA PRO A 122 -7.12 1.55 -14.23
C PRO A 122 -7.26 1.07 -15.68
N PRO A 123 -6.14 0.87 -16.44
CA PRO A 123 -6.27 0.37 -17.82
C PRO A 123 -7.01 -0.98 -17.89
N GLY A 124 -8.15 -1.00 -18.60
CA GLY A 124 -9.00 -2.18 -18.71
C GLY A 124 -10.32 -2.04 -17.97
N GLN A 125 -11.45 -2.30 -18.67
CA GLN A 125 -12.81 -2.17 -18.10
C GLN A 125 -13.65 -3.49 -17.97
N ASP A 126 -13.23 -4.50 -17.18
CA ASP A 126 -11.96 -4.56 -16.45
C ASP A 126 -10.90 -5.36 -17.19
N GLY A 127 -11.34 -6.35 -17.97
CA GLY A 127 -10.47 -7.19 -18.79
C GLY A 127 -9.72 -8.27 -18.05
N ASN A 128 -8.67 -8.82 -18.69
CA ASN A 128 -7.85 -9.89 -18.11
C ASN A 128 -6.35 -9.61 -18.01
N MET A 129 -5.80 -8.84 -18.97
CA MET A 129 -4.38 -8.48 -19.02
C MET A 129 -3.90 -7.82 -17.73
N TRP A 130 -4.71 -6.93 -17.15
CA TRP A 130 -4.34 -6.19 -15.93
C TRP A 130 -5.18 -6.56 -14.69
N ALA A 131 -6.13 -7.49 -14.85
CA ALA A 131 -7.03 -8.02 -13.83
C ALA A 131 -6.31 -8.48 -12.55
N LEU A 132 -4.99 -8.78 -12.64
CA LEU A 132 -4.16 -9.21 -11.52
C LEU A 132 -2.99 -8.26 -11.27
N GLU A 133 -2.89 -7.17 -12.07
CA GLU A 133 -1.84 -6.16 -11.93
C GLU A 133 -2.31 -4.86 -11.29
N LYS A 134 -3.65 -4.66 -11.20
CA LYS A 134 -4.30 -3.49 -10.58
C LYS A 134 -3.60 -2.98 -9.29
N PRO A 135 -3.21 -3.83 -8.30
CA PRO A 135 -2.57 -3.28 -7.08
C PRO A 135 -1.16 -2.75 -7.32
N SER A 136 -0.47 -3.28 -8.34
CA SER A 136 0.88 -2.86 -8.68
C SER A 136 0.93 -1.44 -9.23
N PHE A 137 -0.06 -1.07 -10.08
CA PHE A 137 -0.17 0.26 -10.72
C PHE A 137 -0.12 1.44 -9.76
N SER A 138 0.57 2.49 -10.18
CA SER A 138 0.70 3.77 -9.50
C SER A 138 0.31 4.81 -10.56
N TYR A 139 -0.01 6.03 -10.12
CA TYR A 139 -0.43 7.10 -11.03
C TYR A 139 0.28 8.41 -10.71
N THR A 140 0.54 9.21 -11.75
CA THR A 140 1.19 10.52 -11.64
C THR A 140 0.26 11.54 -12.29
N ILE A 141 -0.16 12.56 -11.52
CA ILE A 141 -1.08 13.59 -12.00
C ILE A 141 -0.33 14.90 -12.26
N ARG A 142 -0.68 15.56 -13.37
CA ARG A 142 -0.15 16.86 -13.77
C ARG A 142 -1.31 17.86 -13.85
N ILE A 143 -1.20 18.96 -13.10
CA ILE A 143 -2.20 20.02 -13.03
C ILE A 143 -1.55 21.41 -13.26
N TRP A 144 -2.27 22.27 -14.00
CA TRP A 144 -1.88 23.64 -14.32
C TRP A 144 -3.14 24.41 -14.71
N GLN A 145 -3.09 25.75 -14.67
CA GLN A 145 -4.24 26.55 -15.10
C GLN A 145 -4.17 26.34 -16.62
N LYS A 146 -5.28 26.68 -17.33
CA LYS A 146 -5.51 26.52 -18.78
C LYS A 146 -4.43 27.17 -19.65
N SER A 147 -4.02 28.41 -19.32
CA SER A 147 -3.02 29.15 -20.09
C SER A 147 -1.57 28.95 -19.68
N SER A 148 -1.31 28.56 -18.42
CA SER A 148 0.04 28.38 -17.85
C SER A 148 0.88 27.26 -18.50
N SER A 149 2.22 27.30 -18.26
CA SER A 149 3.20 26.35 -18.75
C SER A 149 3.89 25.54 -17.62
N ASP A 150 3.80 26.01 -16.36
CA ASP A 150 4.38 25.30 -15.20
C ASP A 150 3.38 24.30 -14.62
N LYS A 151 3.73 23.01 -14.71
CA LYS A 151 2.86 21.92 -14.26
C LYS A 151 3.21 21.40 -12.86
N LYS A 152 2.21 21.39 -11.95
CA LYS A 152 2.34 20.86 -10.60
C LYS A 152 2.19 19.34 -10.69
N THR A 153 3.11 18.59 -10.05
CA THR A 153 3.08 17.12 -10.12
C THR A 153 2.69 16.46 -8.80
N ILE A 154 1.68 15.57 -8.85
CA ILE A 154 1.19 14.84 -7.67
C ILE A 154 1.20 13.34 -7.98
N ASN A 155 1.83 12.52 -7.12
CA ASN A 155 1.85 11.07 -7.30
C ASN A 155 0.76 10.42 -6.46
N SER A 156 0.07 9.41 -7.01
CA SER A 156 -1.00 8.71 -6.28
C SER A 156 -1.15 7.23 -6.60
N THR A 157 -1.48 6.46 -5.55
CA THR A 157 -1.78 5.04 -5.59
C THR A 157 -3.30 4.90 -5.48
N TYR A 158 -3.94 5.97 -4.96
CA TYR A 158 -5.36 6.11 -4.72
C TYR A 158 -6.13 6.34 -6.01
N TYR A 159 -7.26 5.62 -6.20
CA TYR A 159 -8.10 5.69 -7.39
C TYR A 159 -8.97 6.94 -7.46
N VAL A 160 -8.90 7.77 -6.41
CA VAL A 160 -9.50 9.09 -6.29
C VAL A 160 -8.47 9.92 -5.54
N GLU A 161 -7.86 10.90 -6.23
CA GLU A 161 -6.86 11.75 -5.61
C GLU A 161 -7.36 13.18 -5.60
N LYS A 162 -7.69 13.69 -4.41
CA LYS A 162 -8.18 15.05 -4.24
C LYS A 162 -6.99 16.02 -4.23
N ILE A 163 -6.94 16.93 -5.23
CA ILE A 163 -5.89 17.94 -5.36
C ILE A 163 -6.37 19.18 -4.59
N PRO A 164 -5.74 19.51 -3.43
CA PRO A 164 -6.22 20.65 -2.63
C PRO A 164 -5.38 21.92 -2.85
N GLU A 165 -5.62 22.96 -2.00
CA GLU A 165 -4.98 24.28 -2.02
C GLU A 165 -5.12 25.01 -3.38
N LEU A 166 -6.27 24.82 -4.06
CA LEU A 166 -6.56 25.44 -5.36
C LEU A 166 -7.34 26.74 -5.22
N LEU A 167 -7.26 27.61 -6.24
CA LEU A 167 -7.95 28.89 -6.26
C LEU A 167 -9.36 28.76 -6.85
N PRO A 168 -10.41 29.27 -6.16
CA PRO A 168 -11.78 29.20 -6.71
C PRO A 168 -11.94 29.94 -8.03
N GLU A 169 -13.00 29.60 -8.79
CA GLU A 169 -13.35 30.17 -10.10
C GLU A 169 -12.10 30.31 -11.00
N THR A 170 -11.25 29.30 -10.97
CA THR A 170 -10.10 29.17 -11.85
C THR A 170 -10.22 27.84 -12.59
N THR A 171 -9.80 27.83 -13.84
CA THR A 171 -9.94 26.65 -14.70
C THR A 171 -8.59 25.97 -14.89
N TYR A 172 -8.43 24.75 -14.33
CA TYR A 172 -7.20 23.96 -14.40
C TYR A 172 -7.35 22.78 -15.36
N CYS A 173 -6.25 22.37 -16.00
CA CYS A 173 -6.24 21.21 -16.91
C CYS A 173 -5.38 20.09 -16.34
N LEU A 174 -5.84 18.82 -16.53
CA LEU A 174 -5.25 17.61 -15.96
C LEU A 174 -4.73 16.57 -16.96
N GLU A 175 -3.75 15.77 -16.51
CA GLU A 175 -3.10 14.69 -17.25
C GLU A 175 -2.66 13.59 -16.27
N VAL A 176 -3.20 12.36 -16.43
CA VAL A 176 -2.92 11.21 -15.56
C VAL A 176 -2.20 10.10 -16.32
N LYS A 177 -1.07 9.67 -15.77
CA LYS A 177 -0.22 8.61 -16.31
C LYS A 177 -0.33 7.36 -15.42
N ALA A 178 -0.52 6.18 -16.04
CA ALA A 178 -0.56 4.91 -15.30
C ALA A 178 0.81 4.29 -15.38
N ILE A 179 1.41 3.99 -14.23
CA ILE A 179 2.74 3.38 -14.21
C ILE A 179 2.76 2.04 -13.49
N HIS A 180 3.55 1.08 -14.01
CA HIS A 180 3.78 -0.24 -13.42
C HIS A 180 5.21 -0.16 -12.82
N PRO A 181 5.37 0.28 -11.54
CA PRO A 181 6.72 0.48 -10.99
C PRO A 181 7.62 -0.74 -10.83
N SER A 182 7.06 -1.96 -10.99
CA SER A 182 7.83 -3.19 -10.84
C SER A 182 8.12 -3.92 -12.16
N LEU A 183 7.14 -3.93 -13.09
CA LEU A 183 7.28 -4.61 -14.37
C LEU A 183 7.80 -3.70 -15.50
N LYS A 184 8.69 -2.72 -15.16
CA LYS A 184 9.34 -1.81 -16.11
C LYS A 184 8.38 -0.84 -16.88
N LYS A 185 7.32 -1.39 -17.52
CA LYS A 185 6.32 -0.70 -18.34
C LYS A 185 5.65 0.55 -17.74
N HIS A 186 5.09 1.40 -18.64
CA HIS A 186 4.41 2.66 -18.33
C HIS A 186 3.37 2.98 -19.42
N SER A 187 2.49 3.94 -19.16
CA SER A 187 1.42 4.34 -20.07
C SER A 187 1.62 5.76 -20.63
N ASN A 188 1.17 6.00 -21.88
CA ASN A 188 1.18 7.33 -22.48
C ASN A 188 0.15 8.15 -21.70
N TYR A 189 0.45 9.43 -21.37
CA TYR A 189 -0.48 10.31 -20.62
C TYR A 189 -1.87 10.35 -21.27
N SER A 190 -2.92 10.50 -20.46
CA SER A 190 -4.30 10.58 -20.92
C SER A 190 -4.54 11.88 -21.71
N THR A 191 -5.63 11.92 -22.54
CA THR A 191 -6.00 13.12 -23.28
C THR A 191 -6.28 14.19 -22.24
N VAL A 192 -5.75 15.41 -22.45
CA VAL A 192 -5.93 16.52 -21.50
C VAL A 192 -7.42 16.78 -21.21
N GLN A 193 -7.75 17.00 -19.92
CA GLN A 193 -9.09 17.28 -19.43
C GLN A 193 -9.06 18.48 -18.52
N CYS A 194 -9.91 19.48 -18.83
CA CYS A 194 -10.00 20.72 -18.07
C CYS A 194 -11.31 20.81 -17.30
N ILE A 195 -11.26 21.50 -16.16
CA ILE A 195 -12.39 21.73 -15.25
C ILE A 195 -12.19 23.06 -14.51
N SER A 196 -13.30 23.72 -14.14
CA SER A 196 -13.25 24.97 -13.38
C SER A 196 -13.75 24.77 -11.96
N THR A 197 -13.10 25.43 -10.98
CA THR A 197 -13.46 25.40 -9.56
C THR A 197 -14.67 26.32 -9.29
N THR A 198 -15.48 26.00 -8.25
CA THR A 198 -16.66 26.79 -7.86
C THR A 198 -16.25 27.94 -6.91
N VAL A 199 -17.16 28.90 -6.64
CA VAL A 199 -16.87 30.01 -5.71
C VAL A 199 -16.92 29.52 -4.27
N ALA A 200 -15.90 29.90 -3.46
CA ALA A 200 -15.72 29.53 -2.06
C ALA A 200 -17.03 29.49 -1.26
N ASN A 201 -17.26 28.37 -0.54
CA ASN A 201 -18.46 28.13 0.27
C ASN A 201 -18.57 29.14 1.42
N LYS A 202 -19.82 29.42 1.86
CA LYS A 202 -20.09 30.32 2.99
C LYS A 202 -19.61 29.71 4.32
N MET A 203 -19.32 28.38 4.30
CA MET A 203 -18.81 27.59 5.43
C MET A 203 -17.57 26.79 4.99
N PRO A 204 -16.38 26.99 5.63
CA PRO A 204 -15.18 26.24 5.19
C PRO A 204 -15.05 24.85 5.84
N VAL A 205 -14.31 23.95 5.15
CA VAL A 205 -14.04 22.58 5.57
C VAL A 205 -13.00 22.52 6.73
N PRO A 206 -13.13 21.58 7.72
CA PRO A 206 -12.17 21.53 8.84
C PRO A 206 -10.69 21.37 8.46
N GLY A 207 -9.82 21.99 9.27
CA GLY A 207 -8.38 22.03 9.07
C GLY A 207 -7.60 20.81 9.53
N ASN A 208 -6.63 21.03 10.45
CA ASN A 208 -5.73 20.00 10.98
C ASN A 208 -6.39 18.98 11.91
N LEU A 209 -6.23 17.69 11.55
CA LEU A 209 -6.79 16.53 12.26
C LEU A 209 -5.68 15.70 12.93
N GLN A 210 -5.97 15.17 14.13
CA GLN A 210 -5.05 14.34 14.91
C GLN A 210 -5.84 13.30 15.73
N VAL A 211 -5.47 12.01 15.61
CA VAL A 211 -6.16 10.93 16.31
C VAL A 211 -5.30 10.25 17.40
N ASP A 212 -5.65 10.52 18.67
CA ASP A 212 -5.00 9.94 19.84
C ASP A 212 -5.93 8.84 20.38
N ALA A 213 -5.48 7.58 20.35
CA ALA A 213 -6.28 6.44 20.79
C ALA A 213 -5.78 5.76 22.05
N GLN A 214 -6.72 5.40 22.94
CA GLN A 214 -6.45 4.71 24.20
C GLN A 214 -6.69 3.18 24.07
N GLY A 215 -6.40 2.65 22.88
CA GLY A 215 -6.55 1.22 22.57
C GLY A 215 -7.86 0.87 21.92
N LYS A 216 -8.90 0.62 22.76
CA LYS A 216 -10.25 0.24 22.31
C LYS A 216 -11.17 1.43 22.00
N SER A 217 -10.73 2.65 22.38
CA SER A 217 -11.46 3.90 22.14
C SER A 217 -10.57 4.89 21.39
N TYR A 218 -11.16 5.65 20.44
CA TYR A 218 -10.42 6.64 19.65
C TYR A 218 -10.91 8.05 19.95
N VAL A 219 -9.98 9.01 20.03
CA VAL A 219 -10.31 10.42 20.24
C VAL A 219 -9.88 11.20 18.99
N LEU A 220 -10.86 11.85 18.35
CA LEU A 220 -10.67 12.67 17.15
C LEU A 220 -10.68 14.15 17.54
N LYS A 221 -9.47 14.76 17.57
CA LYS A 221 -9.26 16.16 17.91
C LYS A 221 -8.94 16.99 16.66
N TRP A 222 -9.65 18.12 16.48
CA TRP A 222 -9.50 19.01 15.32
C TRP A 222 -9.81 20.48 15.64
N ASP A 223 -9.71 21.37 14.61
CA ASP A 223 -9.96 22.81 14.74
C ASP A 223 -10.97 23.32 13.70
N TYR A 224 -11.82 24.27 14.09
CA TYR A 224 -12.85 24.87 13.23
C TYR A 224 -12.84 26.40 13.30
N LEU A 231 -22.93 22.11 13.73
CA LEU A 231 -23.16 20.73 13.29
C LEU A 231 -21.97 20.13 12.52
N PHE A 232 -21.56 18.89 12.88
CA PHE A 232 -20.45 18.20 12.23
C PHE A 232 -20.71 16.71 12.07
N ARG A 233 -20.66 16.23 10.81
CA ARG A 233 -20.84 14.82 10.45
C ARG A 233 -19.47 14.21 10.12
N ALA A 234 -19.28 12.94 10.50
CA ALA A 234 -18.06 12.19 10.24
C ALA A 234 -18.36 10.85 9.60
N GLN A 235 -17.53 10.43 8.63
CA GLN A 235 -17.64 9.16 7.91
C GLN A 235 -16.29 8.46 7.90
N TRP A 236 -16.30 7.12 7.96
CA TRP A 236 -15.07 6.34 7.96
C TRP A 236 -15.01 5.40 6.76
N LEU A 237 -13.81 5.18 6.24
CA LEU A 237 -13.62 4.30 5.09
C LEU A 237 -12.44 3.37 5.38
N PRO A 238 -12.57 2.05 5.16
CA PRO A 238 -11.43 1.15 5.43
C PRO A 238 -10.24 1.43 4.49
N GLY A 239 -9.02 1.32 5.04
CA GLY A 239 -7.74 1.59 4.39
C GLY A 239 -7.56 1.14 2.95
N TYR A 240 -7.98 -0.09 2.63
CA TYR A 240 -7.86 -0.71 1.30
C TYR A 240 -8.79 -0.12 0.24
N SER A 241 -9.88 0.56 0.65
CA SER A 241 -10.90 1.10 -0.25
C SER A 241 -10.38 2.19 -1.18
N LYS A 242 -9.69 3.20 -0.62
CA LYS A 242 -9.15 4.31 -1.38
C LYS A 242 -8.00 3.86 -2.27
N SER A 243 -7.31 2.79 -1.86
CA SER A 243 -6.16 2.20 -2.53
C SER A 243 -6.50 1.17 -3.62
N SER A 244 -7.60 0.41 -3.48
CA SER A 244 -7.99 -0.61 -4.46
C SER A 244 -9.04 -0.17 -5.47
N SER A 245 -9.00 -0.76 -6.66
CA SER A 245 -9.80 -0.33 -7.80
C SER A 245 -11.25 0.03 -7.49
N GLY A 246 -11.75 1.06 -8.15
CA GLY A 246 -13.13 1.48 -7.98
C GLY A 246 -14.14 0.74 -8.83
N SER A 247 -15.30 1.34 -9.01
CA SER A 247 -16.41 0.72 -9.73
C SER A 247 -17.41 0.32 -8.66
N ARG A 248 -16.88 -0.29 -7.61
CA ARG A 248 -17.61 -0.54 -6.37
C ARG A 248 -17.39 0.40 -5.16
N SER A 249 -16.50 1.39 -5.33
CA SER A 249 -16.12 2.37 -4.31
C SER A 249 -16.28 3.85 -4.82
N ASP A 250 -16.17 4.90 -3.94
CA ASP A 250 -15.88 4.79 -2.50
C ASP A 250 -17.08 5.13 -1.60
N LYS A 251 -17.83 4.09 -1.21
CA LYS A 251 -19.00 4.23 -0.36
C LYS A 251 -18.55 4.34 1.10
N TRP A 252 -18.55 5.58 1.63
CA TRP A 252 -18.13 5.88 3.01
C TRP A 252 -19.11 5.37 4.05
N LYS A 253 -18.60 4.65 5.05
CA LYS A 253 -19.38 4.08 6.15
C LYS A 253 -19.67 5.17 7.22
N PRO A 254 -20.86 5.18 7.86
CA PRO A 254 -21.16 6.25 8.83
C PRO A 254 -20.67 6.03 10.24
N ILE A 255 -20.72 7.09 11.07
CA ILE A 255 -20.33 7.06 12.49
C ILE A 255 -21.50 7.61 13.36
N PRO A 256 -22.18 6.77 14.16
CA PRO A 256 -23.30 7.29 14.99
C PRO A 256 -22.86 8.23 16.10
N THR A 257 -21.69 7.96 16.73
CA THR A 257 -21.13 8.77 17.81
C THR A 257 -20.71 10.17 17.34
N CYS A 258 -20.41 10.32 16.03
CA CYS A 258 -20.05 11.58 15.40
C CYS A 258 -20.76 11.71 14.05
N ALA A 259 -22.03 12.16 14.10
CA ALA A 259 -22.92 12.36 12.95
C ALA A 259 -23.52 13.79 12.92
N ASN A 260 -23.64 14.40 14.09
CA ASN A 260 -24.16 15.75 14.26
C ASN A 260 -23.72 16.37 15.58
N VAL A 261 -22.43 16.23 15.88
CA VAL A 261 -21.80 16.72 17.11
C VAL A 261 -21.81 18.25 17.29
N GLN A 262 -21.78 18.71 18.55
CA GLN A 262 -21.79 20.12 18.93
C GLN A 262 -20.36 20.60 19.29
N THR A 263 -19.47 19.64 19.60
CA THR A 263 -18.08 19.89 20.00
C THR A 263 -17.06 19.33 19.01
N THR A 264 -15.79 19.77 19.12
CA THR A 264 -14.65 19.32 18.31
C THR A 264 -14.09 17.99 18.85
N HIS A 265 -14.51 17.61 20.07
CA HIS A 265 -14.16 16.37 20.75
C HIS A 265 -15.09 15.28 20.21
N CYS A 266 -14.50 14.27 19.54
CA CYS A 266 -15.20 13.16 18.90
C CYS A 266 -14.63 11.82 19.43
N VAL A 267 -15.49 10.98 20.03
CA VAL A 267 -15.11 9.67 20.58
C VAL A 267 -15.90 8.54 19.90
N PHE A 268 -15.17 7.53 19.37
CA PHE A 268 -15.75 6.35 18.71
C PHE A 268 -15.02 5.05 19.08
N SER A 269 -15.75 3.93 19.20
CA SER A 269 -15.17 2.63 19.57
C SER A 269 -14.89 1.70 18.38
N GLN A 270 -13.96 0.74 18.60
CA GLN A 270 -13.49 -0.27 17.63
C GLN A 270 -14.57 -1.17 17.01
N ASP A 271 -15.77 -1.26 17.63
CA ASP A 271 -16.88 -2.07 17.15
C ASP A 271 -17.46 -1.55 15.84
N THR A 272 -17.58 -0.21 15.74
CA THR A 272 -18.11 0.53 14.60
C THR A 272 -17.07 0.68 13.47
N VAL A 273 -15.85 1.07 13.84
CA VAL A 273 -14.69 1.27 12.96
C VAL A 273 -13.78 0.03 13.09
N TYR A 274 -14.26 -1.09 12.53
CA TYR A 274 -13.62 -2.39 12.65
C TYR A 274 -12.29 -2.70 11.97
N THR A 275 -11.93 -1.98 10.90
CA THR A 275 -10.66 -2.25 10.21
C THR A 275 -9.44 -1.74 10.96
N GLY A 276 -8.28 -2.36 10.70
CA GLY A 276 -7.00 -2.01 11.32
C GLY A 276 -6.47 -0.66 10.89
N THR A 277 -6.81 -0.29 9.64
CA THR A 277 -6.48 0.99 9.03
C THR A 277 -7.74 1.57 8.44
N PHE A 278 -7.94 2.88 8.63
CA PHE A 278 -9.09 3.60 8.10
C PHE A 278 -8.89 5.10 7.88
N PHE A 279 -9.73 5.70 7.03
CA PHE A 279 -9.73 7.13 6.69
C PHE A 279 -10.93 7.80 7.33
N LEU A 280 -10.80 9.07 7.73
CA LEU A 280 -11.91 9.79 8.34
C LEU A 280 -12.30 11.09 7.62
N HIS A 281 -13.62 11.34 7.53
CA HIS A 281 -14.27 12.51 6.94
C HIS A 281 -14.72 13.41 8.09
N VAL A 282 -14.69 14.75 7.90
CA VAL A 282 -15.13 15.70 8.94
C VAL A 282 -16.01 16.78 8.32
N THR A 290 -24.75 23.48 1.73
CA THR A 290 -24.09 22.28 2.25
C THR A 290 -22.59 22.30 1.93
N SER A 291 -21.76 22.28 2.99
CA SER A 291 -20.29 22.29 2.92
C SER A 291 -19.73 21.07 2.21
N PHE A 292 -18.53 21.20 1.59
CA PHE A 292 -17.86 20.07 0.93
C PHE A 292 -17.24 19.16 2.01
N TRP A 293 -16.52 18.11 1.61
CA TRP A 293 -15.88 17.21 2.57
C TRP A 293 -14.45 17.66 2.89
N SER A 294 -14.05 17.47 4.15
CA SER A 294 -12.72 17.78 4.69
C SER A 294 -11.66 16.81 4.14
N GLU A 295 -10.37 17.08 4.45
CA GLU A 295 -9.25 16.24 4.06
C GLU A 295 -9.43 14.88 4.73
N GLU A 296 -9.17 13.80 3.98
CA GLU A 296 -9.29 12.43 4.48
C GLU A 296 -8.10 12.15 5.39
N LYS A 297 -8.37 11.96 6.69
CA LYS A 297 -7.33 11.66 7.68
C LYS A 297 -7.17 10.15 7.84
N PHE A 298 -6.00 9.63 7.42
CA PHE A 298 -5.67 8.21 7.51
C PHE A 298 -5.01 7.92 8.83
N ILE A 299 -5.54 6.93 9.57
CA ILE A 299 -4.98 6.54 10.86
C ILE A 299 -4.93 5.02 11.01
N ASP A 300 -3.74 4.50 11.33
CA ASP A 300 -3.48 3.08 11.55
C ASP A 300 -3.62 2.76 13.03
N SER A 301 -4.52 1.83 13.38
CA SER A 301 -4.74 1.40 14.76
C SER A 301 -4.04 0.07 14.97
N GLN A 302 -2.81 0.13 15.49
CA GLN A 302 -2.01 -1.07 15.74
C GLN A 302 -1.48 -1.14 17.16
N LYS A 303 -1.60 -2.32 17.78
CA LYS A 303 -1.13 -2.56 19.14
C LYS A 303 0.39 -2.82 19.14
N HIS A 304 1.15 -1.83 18.61
CA HIS A 304 2.61 -1.90 18.50
C HIS A 304 3.32 -1.16 19.64
N ILE A 305 3.64 -1.91 20.71
CA ILE A 305 4.38 -1.41 21.87
C ILE A 305 5.76 -2.10 21.76
N LEU A 306 6.36 -1.99 20.55
CA LEU A 306 7.63 -2.57 20.16
C LEU A 306 8.40 -1.63 19.20
N PRO A 307 9.74 -1.48 19.33
CA PRO A 307 10.66 -2.10 20.29
C PRO A 307 10.97 -1.21 21.52
N PRO A 308 11.70 -1.70 22.57
CA PRO A 308 12.05 -0.81 23.70
C PRO A 308 13.13 0.22 23.31
N PRO A 309 13.37 1.29 24.12
CA PRO A 309 14.40 2.28 23.74
C PRO A 309 15.85 1.74 23.66
N PRO A 310 16.70 2.27 22.75
CA PRO A 310 18.09 1.80 22.67
C PRO A 310 18.98 2.42 23.77
N VAL A 311 20.22 1.91 23.92
CA VAL A 311 21.16 2.44 24.92
C VAL A 311 22.19 3.37 24.27
N ILE A 312 22.01 4.67 24.49
CA ILE A 312 22.85 5.75 23.97
C ILE A 312 24.14 5.95 24.78
N THR A 313 25.27 6.10 24.08
CA THR A 313 26.60 6.32 24.67
C THR A 313 27.20 7.59 24.06
N VAL A 314 27.65 8.53 24.90
CA VAL A 314 28.23 9.79 24.41
C VAL A 314 29.69 9.96 24.81
N THR A 315 30.52 10.27 23.84
CA THR A 315 31.94 10.46 24.04
C THR A 315 32.32 11.84 23.50
N ALA A 316 32.40 12.82 24.41
CA ALA A 316 32.75 14.19 24.09
C ALA A 316 34.25 14.31 23.89
N MET A 317 34.65 14.51 22.64
CA MET A 317 36.06 14.64 22.28
C MET A 317 36.39 16.11 22.01
N SER A 318 37.67 16.39 21.87
CA SER A 318 38.19 17.68 21.47
C SER A 318 37.60 17.96 20.11
N ASP A 319 36.59 18.83 20.09
CA ASP A 319 35.82 19.11 18.88
C ASP A 319 34.56 18.24 18.73
N THR A 320 34.71 17.11 18.04
CA THR A 320 33.62 16.21 17.68
C THR A 320 33.02 15.55 18.92
N LEU A 321 31.70 15.36 18.92
CA LEU A 321 31.00 14.68 20.01
C LEU A 321 30.43 13.38 19.44
N LEU A 322 31.16 12.26 19.65
CA LEU A 322 30.79 10.93 19.17
C LEU A 322 29.63 10.36 19.97
N VAL A 323 28.61 9.85 19.26
CA VAL A 323 27.39 9.27 19.83
C VAL A 323 27.24 7.83 19.34
N TYR A 324 27.02 6.87 20.26
CA TYR A 324 26.82 5.47 19.91
C TYR A 324 25.45 4.94 20.33
N VAL A 325 24.68 4.45 19.35
CA VAL A 325 23.35 3.87 19.56
C VAL A 325 23.49 2.36 19.61
N ASN A 326 23.00 1.75 20.69
CA ASN A 326 23.06 0.30 20.85
C ASN A 326 21.65 -0.25 20.95
N CYS A 327 21.27 -1.16 20.01
CA CYS A 327 19.95 -1.81 20.03
C CYS A 327 19.86 -2.78 21.22
N GLN A 328 18.66 -2.90 21.82
CA GLN A 328 18.43 -3.75 23.00
C GLN A 328 18.03 -5.22 22.69
N ASP A 329 18.40 -5.71 21.49
CA ASP A 329 18.18 -7.08 21.02
C ASP A 329 19.22 -7.36 19.94
N SER A 330 20.34 -7.97 20.35
CA SER A 330 21.47 -8.27 19.47
C SER A 330 21.48 -9.74 18.98
N THR A 331 22.08 -10.09 17.79
CA THR A 331 22.87 -9.27 16.84
C THR A 331 22.27 -7.95 16.37
N CYS A 332 23.15 -6.95 16.19
CA CYS A 332 22.79 -5.59 15.78
C CYS A 332 23.34 -5.24 14.36
N ASP A 333 23.56 -6.28 13.52
CA ASP A 333 24.12 -6.20 12.17
C ASP A 333 23.41 -5.31 11.13
N GLY A 334 22.11 -5.54 10.91
CA GLY A 334 21.33 -4.78 9.93
C GLY A 334 20.27 -4.04 10.73
N LEU A 335 20.48 -2.72 10.95
CA LEU A 335 19.52 -1.82 11.57
C LEU A 335 19.73 -0.35 11.16
N ASN A 336 18.65 0.46 11.21
CA ASN A 336 18.67 1.90 10.89
C ASN A 336 18.46 2.70 12.18
N TYR A 337 19.27 3.76 12.36
CA TYR A 337 19.23 4.59 13.58
C TYR A 337 18.83 6.04 13.34
N GLU A 338 18.34 6.71 14.41
CA GLU A 338 17.92 8.11 14.39
C GLU A 338 18.44 8.86 15.61
N ILE A 339 18.84 10.13 15.44
CA ILE A 339 19.32 10.98 16.52
C ILE A 339 18.48 12.24 16.69
N ILE A 340 18.33 12.70 17.94
CA ILE A 340 17.59 13.92 18.30
C ILE A 340 18.46 14.66 19.31
N PHE A 341 19.15 15.71 18.85
CA PHE A 341 20.04 16.50 19.69
C PHE A 341 19.65 17.97 19.81
N TRP A 342 19.90 18.55 21.00
CA TRP A 342 19.62 19.95 21.30
C TRP A 342 20.60 20.52 22.35
N GLU A 343 20.32 21.72 22.87
CA GLU A 343 21.14 22.40 23.88
C GLU A 343 20.29 22.66 25.13
N ASN A 344 20.91 22.59 26.32
CA ASN A 344 20.23 22.81 27.61
C ASN A 344 19.76 24.27 27.86
N THR A 345 19.75 25.11 26.80
CA THR A 345 19.32 26.52 26.86
C THR A 345 18.33 26.84 25.73
N SER A 346 18.40 26.08 24.62
CA SER A 346 17.51 26.25 23.47
C SER A 346 16.29 25.34 23.60
N ASN A 347 15.20 25.67 22.88
CA ASN A 347 13.95 24.90 22.88
C ASN A 347 13.66 24.35 21.46
N THR A 348 14.74 24.22 20.66
CA THR A 348 14.74 23.70 19.29
C THR A 348 15.50 22.37 19.27
N LYS A 349 14.90 21.35 18.64
CA LYS A 349 15.54 20.04 18.53
C LYS A 349 16.03 19.77 17.10
N ILE A 350 17.34 19.44 16.97
CA ILE A 350 17.99 19.12 15.69
C ILE A 350 18.05 17.60 15.56
N SER A 351 17.71 17.06 14.39
CA SER A 351 17.64 15.62 14.20
C SER A 351 18.30 15.13 12.91
N MET A 352 19.07 14.04 13.01
CA MET A 352 19.75 13.40 11.89
C MET A 352 19.78 11.87 11.99
N GLU A 353 19.74 11.18 10.83
CA GLU A 353 19.79 9.73 10.74
C GLU A 353 20.99 9.26 9.92
N LYS A 354 21.63 8.18 10.37
CA LYS A 354 22.79 7.60 9.68
C LYS A 354 22.53 6.12 9.37
N ASP A 355 23.48 5.48 8.69
CA ASP A 355 23.43 4.07 8.27
C ASP A 355 23.80 3.20 9.45
N GLY A 356 24.97 3.43 10.01
CA GLY A 356 25.49 2.71 11.17
C GLY A 356 25.13 3.37 12.49
N PRO A 357 25.66 2.88 13.63
CA PRO A 357 25.33 3.49 14.92
C PRO A 357 26.27 4.61 15.37
N GLU A 358 27.47 4.68 14.79
CA GLU A 358 28.48 5.67 15.11
C GLU A 358 28.16 7.05 14.49
N PHE A 359 27.41 7.87 15.24
CA PHE A 359 27.04 9.25 14.89
C PHE A 359 28.14 10.16 15.41
N THR A 360 28.56 11.13 14.62
CA THR A 360 29.62 12.06 15.02
C THR A 360 29.09 13.49 14.94
N LEU A 361 28.78 14.08 16.12
CA LEU A 361 28.29 15.45 16.18
C LEU A 361 29.47 16.40 16.06
N LYS A 362 29.67 16.91 14.84
CA LYS A 362 30.76 17.83 14.54
C LYS A 362 30.34 19.29 14.41
N ASN A 363 31.30 20.20 14.68
CA ASN A 363 31.16 21.65 14.64
C ASN A 363 30.15 22.20 15.67
N LEU A 364 30.30 21.76 16.92
CA LEU A 364 29.47 22.24 18.03
C LEU A 364 30.25 23.35 18.78
N GLN A 365 29.53 24.28 19.43
CA GLN A 365 30.16 25.36 20.20
C GLN A 365 30.84 24.73 21.43
N PRO A 366 32.12 25.07 21.75
CA PRO A 366 32.78 24.44 22.90
C PRO A 366 32.25 24.92 24.25
N LEU A 367 32.56 24.15 25.33
CA LEU A 367 32.17 24.42 26.72
C LEU A 367 30.66 24.66 26.92
N THR A 368 29.82 23.93 26.14
CA THR A 368 28.36 24.03 26.20
C THR A 368 27.72 22.64 26.33
N VAL A 369 26.62 22.54 27.10
CA VAL A 369 25.91 21.29 27.37
C VAL A 369 24.92 20.95 26.27
N TYR A 370 25.08 19.75 25.68
CA TYR A 370 24.23 19.22 24.60
C TYR A 370 23.50 17.97 25.05
N CYS A 371 22.18 17.92 24.82
CA CYS A 371 21.33 16.80 25.17
C CYS A 371 20.97 15.95 23.96
N VAL A 372 21.38 14.66 23.98
CA VAL A 372 21.15 13.71 22.89
C VAL A 372 20.07 12.66 23.24
N GLN A 373 19.33 12.21 22.22
CA GLN A 373 18.27 11.20 22.30
C GLN A 373 18.31 10.36 21.03
N ALA A 374 18.11 9.04 21.14
CA ALA A 374 18.14 8.16 19.97
C ALA A 374 17.03 7.11 19.91
N ARG A 375 16.70 6.67 18.69
CA ARG A 375 15.70 5.66 18.41
C ARG A 375 16.16 4.75 17.28
N VAL A 376 15.65 3.51 17.28
CA VAL A 376 16.00 2.49 16.29
C VAL A 376 14.85 2.22 15.29
N LEU A 377 15.19 1.93 14.02
CA LEU A 377 14.22 1.69 12.96
C LEU A 377 14.49 0.38 12.20
N SER A 389 14.96 6.55 23.25
CA SER A 389 15.88 6.77 24.38
C SER A 389 15.41 7.90 25.28
N GLU A 390 16.08 8.04 26.44
CA GLU A 390 15.86 9.11 27.41
C GLU A 390 16.94 10.16 27.17
N LYS A 391 16.70 11.42 27.58
CA LYS A 391 17.65 12.52 27.40
C LYS A 391 18.95 12.32 28.20
N LEU A 392 20.09 12.34 27.48
CA LEU A 392 21.43 12.19 28.04
C LEU A 392 22.23 13.45 27.68
N CYS A 393 22.46 14.31 28.68
CA CYS A 393 23.15 15.58 28.53
C CYS A 393 24.65 15.49 28.81
N GLU A 394 25.48 15.95 27.85
CA GLU A 394 26.94 15.98 27.98
C GLU A 394 27.55 17.31 27.50
N LYS A 395 28.46 17.86 28.31
CA LYS A 395 29.17 19.10 28.01
C LYS A 395 30.38 18.77 27.14
N THR A 396 30.65 19.62 26.13
CA THR A 396 31.76 19.48 25.18
C THR A 396 33.14 19.69 25.85
N ARG A 397 34.21 19.75 25.04
CA ARG A 397 35.58 19.96 25.51
C ARG A 397 36.08 21.38 25.11
N PRO A 398 37.03 22.01 25.87
CA PRO A 398 37.46 23.37 25.51
C PRO A 398 38.25 23.49 24.19
N GLY A 399 39.31 22.69 24.05
CA GLY A 399 40.16 22.70 22.85
C GLY A 399 41.64 22.60 23.15
N SER A 400 42.15 21.35 23.22
CA SER A 400 43.56 21.04 23.48
C SER A 400 44.45 21.37 22.28
N ILE B 1 20.58 -2.85 6.91
CA ILE B 1 19.66 -3.67 6.12
C ILE B 1 19.71 -5.16 6.51
N ASN B 2 18.52 -5.79 6.71
CA ASN B 2 18.39 -7.21 7.11
C ASN B 2 17.02 -7.81 6.78
N TYR B 3 17.02 -9.11 6.41
CA TYR B 3 15.84 -9.91 6.09
C TYR B 3 15.24 -10.58 7.35
N LYS B 4 16.06 -10.73 8.43
CA LYS B 4 15.66 -11.35 9.70
C LYS B 4 14.52 -10.60 10.38
N GLN B 5 14.49 -9.26 10.24
CA GLN B 5 13.46 -8.40 10.82
C GLN B 5 12.14 -8.59 10.05
N LEU B 6 12.22 -8.71 8.71
CA LEU B 6 11.09 -8.94 7.78
C LEU B 6 10.43 -10.31 8.06
N GLN B 7 11.25 -11.29 8.48
CA GLN B 7 10.83 -12.65 8.84
C GLN B 7 9.91 -12.60 10.08
N LEU B 8 10.25 -11.76 11.07
CA LEU B 8 9.47 -11.57 12.30
C LEU B 8 8.13 -10.89 12.02
N GLN B 9 8.10 -9.95 11.04
CA GLN B 9 6.87 -9.25 10.66
C GLN B 9 5.92 -10.16 9.88
N GLU B 10 6.42 -10.87 8.86
CA GLU B 10 5.56 -11.77 8.07
C GLU B 10 4.99 -12.95 8.84
N ARG B 11 5.68 -13.39 9.91
CA ARG B 11 5.22 -14.47 10.77
C ARG B 11 4.08 -13.96 11.64
N THR B 12 4.25 -12.76 12.25
CA THR B 12 3.26 -12.07 13.10
C THR B 12 1.99 -11.79 12.29
N ASN B 13 2.17 -11.34 11.04
CA ASN B 13 1.08 -10.98 10.15
C ASN B 13 0.33 -12.11 9.46
N ILE B 14 1.02 -13.19 9.04
CA ILE B 14 0.30 -14.31 8.45
C ILE B 14 -0.62 -14.99 9.49
N ARG B 15 -0.21 -14.93 10.79
CA ARG B 15 -1.00 -15.43 11.91
C ARG B 15 -2.28 -14.57 12.02
N LYS B 16 -2.15 -13.23 11.87
CA LYS B 16 -3.26 -12.26 11.91
C LYS B 16 -4.27 -12.52 10.77
N CYS B 17 -3.76 -12.89 9.58
CA CYS B 17 -4.56 -13.21 8.40
C CYS B 17 -5.20 -14.61 8.51
N GLN B 18 -4.42 -15.63 8.93
CA GLN B 18 -4.90 -17.01 9.10
C GLN B 18 -6.02 -17.09 10.15
N GLU B 19 -5.94 -16.28 11.21
CA GLU B 19 -6.98 -16.18 12.24
C GLU B 19 -8.25 -15.57 11.63
N LEU B 20 -8.10 -14.49 10.84
CA LEU B 20 -9.20 -13.81 10.15
C LEU B 20 -9.89 -14.72 9.15
N LEU B 21 -9.12 -15.52 8.37
CA LEU B 21 -9.62 -16.50 7.39
C LEU B 21 -10.39 -17.61 8.11
N GLU B 22 -9.88 -18.07 9.26
CA GLU B 22 -10.50 -19.11 10.08
C GLU B 22 -11.85 -18.63 10.61
N GLN B 23 -11.95 -17.32 10.94
CA GLN B 23 -13.17 -16.73 11.50
C GLN B 23 -14.33 -16.47 10.52
N LEU B 24 -14.13 -16.80 9.21
CA LEU B 24 -15.13 -16.68 8.12
C LEU B 24 -16.42 -17.45 8.47
N ASN B 25 -16.26 -18.67 9.08
CA ASN B 25 -17.35 -19.52 9.57
C ASN B 25 -16.90 -20.45 10.70
N GLY B 26 -16.17 -21.54 10.37
CA GLY B 26 -15.71 -22.49 11.36
C GLY B 26 -15.26 -23.88 10.90
N LYS B 27 -15.31 -24.17 9.59
CA LYS B 27 -14.88 -25.47 9.05
C LYS B 27 -14.11 -25.36 7.72
N ILE B 28 -12.82 -25.76 7.71
CA ILE B 28 -11.96 -25.76 6.52
C ILE B 28 -11.60 -27.22 6.19
N ASN B 29 -12.21 -27.76 5.11
CA ASN B 29 -12.01 -29.13 4.67
C ASN B 29 -10.91 -29.20 3.60
N LEU B 30 -9.67 -29.52 4.02
CA LEU B 30 -8.48 -29.61 3.15
C LEU B 30 -8.53 -30.64 2.01
N THR B 31 -9.57 -31.50 2.00
CA THR B 31 -9.71 -32.48 0.93
C THR B 31 -10.55 -31.96 -0.22
N TYR B 32 -11.00 -30.70 -0.13
CA TYR B 32 -11.79 -30.06 -1.17
C TYR B 32 -10.96 -29.88 -2.44
N ARG B 33 -11.13 -30.85 -3.35
CA ARG B 33 -10.44 -31.03 -4.63
C ARG B 33 -10.87 -30.04 -5.72
N ALA B 34 -9.87 -29.55 -6.47
CA ALA B 34 -9.97 -28.65 -7.62
C ALA B 34 -8.63 -28.66 -8.33
N ASP B 35 -8.64 -28.84 -9.66
CA ASP B 35 -7.39 -28.93 -10.42
C ASP B 35 -6.67 -27.62 -10.73
N PHE B 36 -5.78 -27.26 -9.80
CA PHE B 36 -4.83 -26.14 -9.75
C PHE B 36 -4.00 -26.32 -8.49
N LYS B 37 -2.67 -26.22 -8.61
CA LYS B 37 -1.79 -26.40 -7.47
C LYS B 37 -0.71 -25.33 -7.44
N ILE B 38 -0.30 -24.91 -6.23
CA ILE B 38 0.75 -23.90 -6.02
C ILE B 38 2.03 -24.33 -6.78
N PRO B 39 2.67 -23.44 -7.60
CA PRO B 39 3.85 -23.86 -8.38
C PRO B 39 4.95 -24.53 -7.57
N MET B 40 5.63 -25.52 -8.19
CA MET B 40 6.71 -26.32 -7.62
C MET B 40 7.92 -25.53 -7.11
N GLU B 41 8.18 -24.35 -7.70
CA GLU B 41 9.29 -23.48 -7.33
C GLU B 41 9.14 -22.91 -5.91
N MET B 42 7.88 -22.79 -5.43
CA MET B 42 7.54 -22.26 -4.11
C MET B 42 7.95 -23.22 -2.99
N THR B 43 7.73 -24.53 -3.20
CA THR B 43 8.08 -25.61 -2.27
C THR B 43 9.60 -25.81 -2.26
N GLU B 44 10.23 -25.64 -3.43
CA GLU B 44 11.66 -25.72 -3.71
C GLU B 44 12.39 -24.52 -3.08
N LYS B 45 13.73 -24.61 -2.95
CA LYS B 45 14.58 -23.56 -2.38
C LYS B 45 14.70 -22.40 -3.38
N MET B 46 14.56 -21.14 -2.90
CA MET B 46 14.68 -19.94 -3.73
C MET B 46 15.52 -18.85 -3.07
N GLN B 47 15.95 -17.84 -3.88
CA GLN B 47 16.78 -16.68 -3.48
C GLN B 47 16.18 -15.88 -2.33
N LYS B 48 17.01 -15.10 -1.60
CA LYS B 48 16.58 -14.30 -0.45
C LYS B 48 15.66 -13.14 -0.82
N SER B 49 15.97 -12.42 -1.92
CA SER B 49 15.17 -11.29 -2.41
C SER B 49 13.86 -11.79 -3.01
N TYR B 50 13.95 -12.88 -3.80
CA TYR B 50 12.85 -13.56 -4.49
C TYR B 50 11.71 -14.00 -3.55
N THR B 51 12.02 -14.36 -2.28
CA THR B 51 11.04 -14.77 -1.28
C THR B 51 10.10 -13.63 -0.89
N ALA B 52 10.66 -12.47 -0.48
CA ALA B 52 9.92 -11.27 -0.12
C ALA B 52 8.94 -10.90 -1.25
N PHE B 53 9.38 -11.00 -2.52
CA PHE B 53 8.50 -10.72 -3.67
C PHE B 53 7.41 -11.78 -3.79
N ALA B 54 7.77 -13.07 -3.61
CA ALA B 54 6.82 -14.18 -3.68
C ALA B 54 5.69 -13.96 -2.65
N ILE B 55 6.04 -13.53 -1.41
CA ILE B 55 5.09 -13.26 -0.33
C ILE B 55 4.15 -12.16 -0.78
N GLN B 56 4.71 -10.97 -1.15
CA GLN B 56 3.99 -9.81 -1.66
C GLN B 56 2.99 -10.21 -2.73
N GLU B 57 3.46 -10.89 -3.80
CA GLU B 57 2.64 -11.37 -4.92
C GLU B 57 1.46 -12.23 -4.47
N MET B 58 1.71 -13.15 -3.53
CA MET B 58 0.70 -14.06 -2.99
C MET B 58 -0.36 -13.29 -2.21
N LEU B 59 0.06 -12.34 -1.35
CA LEU B 59 -0.81 -11.47 -0.55
C LEU B 59 -1.62 -10.51 -1.44
N GLN B 60 -1.06 -10.12 -2.59
CA GLN B 60 -1.69 -9.24 -3.57
C GLN B 60 -2.80 -10.02 -4.27
N ASN B 61 -2.52 -11.28 -4.58
CA ASN B 61 -3.46 -12.16 -5.25
C ASN B 61 -4.55 -12.67 -4.34
N VAL B 62 -4.20 -13.01 -3.07
CA VAL B 62 -5.17 -13.42 -2.05
C VAL B 62 -6.18 -12.25 -1.84
N PHE B 63 -5.67 -10.99 -1.83
CA PHE B 63 -6.48 -9.79 -1.71
C PHE B 63 -7.51 -9.77 -2.84
N LEU B 64 -7.01 -9.74 -4.10
CA LEU B 64 -7.79 -9.74 -5.34
C LEU B 64 -8.89 -10.79 -5.35
N VAL B 65 -8.62 -11.98 -4.75
CA VAL B 65 -9.56 -13.09 -4.64
C VAL B 65 -10.78 -12.71 -3.78
N PHE B 66 -10.55 -12.26 -2.54
CA PHE B 66 -11.62 -11.89 -1.61
C PHE B 66 -12.47 -10.68 -2.02
N ARG B 67 -12.04 -9.95 -3.07
CA ARG B 67 -12.78 -8.81 -3.62
C ARG B 67 -14.05 -9.29 -4.31
N ASN B 68 -13.98 -10.46 -4.96
CA ASN B 68 -15.07 -11.14 -5.68
C ASN B 68 -16.34 -11.37 -4.83
N ASN B 69 -17.49 -11.59 -5.51
CA ASN B 69 -18.78 -11.87 -4.87
C ASN B 69 -18.72 -13.14 -4.01
N PHE B 70 -18.77 -12.96 -2.68
CA PHE B 70 -18.76 -14.06 -1.70
C PHE B 70 -20.16 -14.20 -1.05
N SER B 71 -21.19 -13.63 -1.71
CA SER B 71 -22.60 -13.61 -1.29
C SER B 71 -23.15 -15.00 -0.99
N SER B 72 -22.81 -16.00 -1.84
CA SER B 72 -23.25 -17.39 -1.75
C SER B 72 -22.79 -18.13 -0.48
N THR B 73 -21.65 -17.72 0.08
CA THR B 73 -21.03 -18.35 1.25
C THR B 73 -21.76 -18.13 2.57
N GLY B 74 -22.35 -16.95 2.73
CA GLY B 74 -23.00 -16.58 3.97
C GLY B 74 -21.99 -16.23 5.06
N TRP B 75 -20.76 -15.82 4.63
CA TRP B 75 -19.66 -15.40 5.50
C TRP B 75 -19.97 -14.01 6.05
N ASN B 76 -19.33 -13.64 7.17
CA ASN B 76 -19.51 -12.33 7.79
C ASN B 76 -18.73 -11.29 7.00
N GLU B 77 -19.45 -10.35 6.35
CA GLU B 77 -18.83 -9.28 5.55
C GLU B 77 -17.77 -8.52 6.35
N THR B 78 -18.08 -8.23 7.63
CA THR B 78 -17.26 -7.53 8.62
C THR B 78 -15.86 -8.15 8.69
N ILE B 79 -15.78 -9.49 8.70
CA ILE B 79 -14.52 -10.21 8.75
C ILE B 79 -13.76 -10.16 7.41
N VAL B 80 -14.47 -10.21 6.27
CA VAL B 80 -13.87 -10.13 4.93
C VAL B 80 -13.33 -8.72 4.68
N VAL B 81 -14.04 -7.69 5.18
CA VAL B 81 -13.60 -6.30 5.10
C VAL B 81 -12.30 -6.20 5.92
N ARG B 82 -12.32 -6.78 7.15
CA ARG B 82 -11.19 -6.85 8.10
C ARG B 82 -9.95 -7.54 7.50
N LEU B 83 -10.17 -8.71 6.81
CA LEU B 83 -9.14 -9.53 6.15
C LEU B 83 -8.46 -8.76 5.02
N LEU B 84 -9.25 -8.25 4.03
CA LEU B 84 -8.75 -7.47 2.91
C LEU B 84 -7.88 -6.33 3.41
N ASP B 85 -8.29 -5.68 4.51
CA ASP B 85 -7.53 -4.58 5.07
C ASP B 85 -6.20 -5.01 5.69
N GLU B 86 -6.18 -6.11 6.46
CA GLU B 86 -4.94 -6.60 7.06
C GLU B 86 -4.00 -7.14 5.97
N LEU B 87 -4.58 -7.73 4.89
CA LEU B 87 -3.85 -8.22 3.73
C LEU B 87 -3.18 -7.05 3.03
N HIS B 88 -3.97 -6.01 2.69
CA HIS B 88 -3.52 -4.81 2.00
C HIS B 88 -2.47 -4.03 2.79
N GLN B 89 -2.61 -4.01 4.14
CA GLN B 89 -1.66 -3.37 5.06
C GLN B 89 -0.25 -3.95 4.85
N GLN B 90 -0.13 -5.29 4.77
CA GLN B 90 1.15 -5.95 4.55
C GLN B 90 1.66 -5.78 3.13
N THR B 91 0.75 -5.82 2.14
CA THR B 91 1.06 -5.62 0.73
C THR B 91 1.77 -4.27 0.56
N VAL B 92 1.22 -3.20 1.20
CA VAL B 92 1.77 -1.84 1.22
C VAL B 92 3.13 -1.82 1.96
N PHE B 93 3.23 -2.58 3.07
CA PHE B 93 4.44 -2.69 3.90
C PHE B 93 5.63 -3.30 3.16
N LEU B 94 5.41 -4.43 2.46
CA LEU B 94 6.42 -5.15 1.69
C LEU B 94 6.95 -4.31 0.53
N LYS B 95 6.06 -3.63 -0.20
CA LYS B 95 6.45 -2.78 -1.34
C LYS B 95 7.36 -1.62 -0.88
N THR B 96 7.11 -1.08 0.33
CA THR B 96 7.88 0.02 0.91
C THR B 96 9.25 -0.41 1.44
N VAL B 97 9.40 -1.68 1.86
CA VAL B 97 10.69 -2.21 2.36
C VAL B 97 11.56 -2.75 1.22
N LEU B 98 11.03 -2.68 -0.01
CA LEU B 98 11.69 -3.09 -1.24
C LEU B 98 11.56 -1.92 -2.23
N GLU B 99 11.64 -0.68 -1.70
CA GLU B 99 11.54 0.58 -2.44
C GLU B 99 12.92 1.07 -2.84
N GLU B 100 13.86 1.17 -1.86
CA GLU B 100 15.24 1.61 -2.07
C GLU B 100 15.99 0.68 -3.04
N LYS B 101 15.74 -0.65 -2.93
CA LYS B 101 16.32 -1.65 -3.84
C LYS B 101 15.38 -1.69 -5.05
N GLN B 102 15.94 -1.67 -6.29
CA GLN B 102 15.13 -1.64 -7.52
C GLN B 102 15.55 -2.60 -8.65
N GLU B 103 16.79 -3.13 -8.61
CA GLU B 103 17.29 -4.02 -9.65
C GLU B 103 16.73 -5.45 -9.63
N GLU B 104 16.87 -6.16 -8.47
CA GLU B 104 16.43 -7.55 -8.32
C GLU B 104 14.94 -7.85 -8.52
N ARG B 105 14.04 -6.87 -8.31
CA ARG B 105 12.59 -7.05 -8.55
C ARG B 105 12.29 -7.16 -10.03
N LEU B 106 13.07 -6.46 -10.87
CA LEU B 106 12.94 -6.51 -12.33
C LEU B 106 13.32 -7.91 -12.81
N THR B 107 14.43 -8.48 -12.24
CA THR B 107 14.91 -9.83 -12.53
C THR B 107 13.85 -10.85 -12.10
N TRP B 108 13.18 -10.58 -10.96
CA TRP B 108 12.13 -11.45 -10.46
C TRP B 108 10.86 -11.42 -11.30
N GLU B 109 10.51 -10.25 -11.88
CA GLU B 109 9.32 -10.11 -12.72
C GLU B 109 9.48 -10.82 -14.06
N MET B 110 10.73 -10.93 -14.56
CA MET B 110 11.05 -11.61 -15.82
C MET B 110 11.39 -13.10 -15.61
N SER B 111 11.30 -13.56 -14.34
CA SER B 111 11.54 -14.95 -13.95
C SER B 111 10.43 -15.87 -14.41
N SER B 112 10.76 -17.15 -14.65
CA SER B 112 9.77 -18.16 -15.02
C SER B 112 8.90 -18.48 -13.79
N THR B 113 9.51 -18.37 -12.57
CA THR B 113 8.88 -18.62 -11.26
C THR B 113 7.66 -17.72 -11.03
N ALA B 114 7.85 -16.38 -11.16
CA ALA B 114 6.81 -15.37 -10.96
C ALA B 114 5.65 -15.58 -11.94
N LEU B 115 5.98 -15.87 -13.22
CA LEU B 115 5.03 -16.14 -14.30
C LEU B 115 4.16 -17.34 -13.93
N HIS B 116 4.77 -18.42 -13.38
CA HIS B 116 4.11 -19.64 -12.94
C HIS B 116 3.19 -19.40 -11.76
N LEU B 117 3.57 -18.46 -10.87
CA LEU B 117 2.78 -18.09 -9.70
C LEU B 117 1.56 -17.29 -10.15
N LYS B 118 1.76 -16.38 -11.14
CA LYS B 118 0.69 -15.56 -11.72
C LYS B 118 -0.24 -16.42 -12.58
N SER B 119 0.30 -17.42 -13.32
CA SER B 119 -0.49 -18.37 -14.12
C SER B 119 -1.44 -19.15 -13.18
N TYR B 120 -0.93 -19.53 -11.98
CA TYR B 120 -1.64 -20.27 -10.96
C TYR B 120 -2.83 -19.46 -10.46
N TYR B 121 -2.59 -18.21 -10.01
CA TYR B 121 -3.64 -17.34 -9.49
C TYR B 121 -4.68 -16.95 -10.53
N TRP B 122 -4.29 -16.90 -11.83
CA TRP B 122 -5.20 -16.62 -12.93
C TRP B 122 -6.22 -17.76 -12.95
N ARG B 123 -5.74 -19.01 -12.82
CA ARG B 123 -6.55 -20.23 -12.79
C ARG B 123 -7.50 -20.27 -11.58
N VAL B 124 -7.12 -19.63 -10.46
CA VAL B 124 -7.95 -19.58 -9.24
C VAL B 124 -9.14 -18.62 -9.46
N GLN B 125 -8.87 -17.43 -10.04
CA GLN B 125 -9.88 -16.42 -10.34
C GLN B 125 -10.82 -16.90 -11.46
N ARG B 126 -10.26 -17.64 -12.45
CA ARG B 126 -11.00 -18.21 -13.59
C ARG B 126 -11.98 -19.26 -13.07
N TYR B 127 -11.51 -20.15 -12.16
CA TYR B 127 -12.27 -21.23 -11.52
C TYR B 127 -13.57 -20.71 -10.92
N LEU B 128 -13.47 -19.68 -10.05
CA LEU B 128 -14.58 -19.02 -9.35
C LEU B 128 -15.63 -18.43 -10.31
N LYS B 129 -15.18 -17.79 -11.41
CA LYS B 129 -16.03 -17.18 -12.43
C LYS B 129 -16.82 -18.25 -13.17
N LEU B 130 -16.16 -19.38 -13.52
CA LEU B 130 -16.76 -20.52 -14.23
C LEU B 130 -17.84 -21.17 -13.36
N MET B 131 -17.52 -21.43 -12.07
CA MET B 131 -18.46 -22.00 -11.10
C MET B 131 -19.49 -20.97 -10.61
N LYS B 132 -19.52 -19.78 -11.24
CA LYS B 132 -20.40 -18.64 -10.99
C LYS B 132 -20.49 -18.19 -9.51
N TYR B 133 -19.34 -18.23 -8.82
CA TYR B 133 -19.14 -17.81 -7.43
C TYR B 133 -20.11 -18.45 -6.41
N ASN B 134 -20.43 -19.75 -6.59
CA ASN B 134 -21.33 -20.47 -5.66
C ASN B 134 -20.54 -20.96 -4.44
N SER B 135 -21.23 -21.46 -3.40
CA SER B 135 -20.59 -21.94 -2.16
C SER B 135 -19.49 -22.96 -2.34
N TYR B 136 -19.69 -24.03 -3.15
CA TYR B 136 -18.67 -25.07 -3.34
C TYR B 136 -17.33 -24.55 -3.88
N ALA B 137 -17.36 -23.56 -4.79
CA ALA B 137 -16.18 -22.94 -5.38
C ALA B 137 -15.37 -22.20 -4.32
N TRP B 138 -16.06 -21.44 -3.44
CA TRP B 138 -15.46 -20.68 -2.35
C TRP B 138 -14.96 -21.60 -1.24
N MET B 139 -15.67 -22.71 -0.98
CA MET B 139 -15.31 -23.73 0.01
C MET B 139 -13.96 -24.33 -0.38
N VAL B 140 -13.73 -24.43 -1.70
CA VAL B 140 -12.50 -24.92 -2.31
C VAL B 140 -11.39 -23.86 -2.22
N VAL B 141 -11.72 -22.59 -2.51
CA VAL B 141 -10.80 -21.45 -2.49
C VAL B 141 -10.29 -21.18 -1.06
N ARG B 142 -11.20 -21.19 -0.05
CA ARG B 142 -10.88 -20.98 1.37
C ARG B 142 -9.80 -21.99 1.79
N ALA B 143 -10.03 -23.28 1.48
CA ALA B 143 -9.14 -24.41 1.72
C ALA B 143 -7.78 -24.19 1.05
N GLU B 144 -7.78 -23.64 -0.19
CA GLU B 144 -6.58 -23.36 -0.96
C GLU B 144 -5.79 -22.18 -0.34
N ILE B 145 -6.48 -21.08 0.06
CA ILE B 145 -5.89 -19.90 0.71
C ILE B 145 -5.23 -20.30 2.05
N PHE B 146 -5.82 -21.31 2.75
CA PHE B 146 -5.28 -21.87 4.00
C PHE B 146 -3.93 -22.51 3.66
N ARG B 147 -3.93 -23.42 2.66
CA ARG B 147 -2.75 -24.13 2.16
C ARG B 147 -1.70 -23.11 1.70
N ASN B 148 -2.12 -22.04 0.99
CA ASN B 148 -1.28 -20.93 0.52
C ASN B 148 -0.60 -20.18 1.68
N PHE B 149 -1.35 -19.85 2.74
CA PHE B 149 -0.85 -19.17 3.95
C PHE B 149 0.24 -20.02 4.61
N LEU B 150 0.09 -21.37 4.59
CA LEU B 150 1.09 -22.31 5.11
C LEU B 150 2.35 -22.24 4.24
N ILE B 151 2.19 -22.05 2.91
CA ILE B 151 3.30 -21.87 1.97
C ILE B 151 4.02 -20.54 2.27
N ILE B 152 3.24 -19.48 2.61
CA ILE B 152 3.79 -18.19 3.03
C ILE B 152 4.62 -18.43 4.28
N ARG B 153 4.13 -19.29 5.22
CA ARG B 153 4.85 -19.64 6.45
C ARG B 153 6.11 -20.47 6.16
N ARG B 154 6.06 -21.41 5.20
CA ARG B 154 7.21 -22.23 4.81
C ARG B 154 8.30 -21.32 4.23
N LEU B 155 7.90 -20.36 3.37
CA LEU B 155 8.80 -19.39 2.73
C LEU B 155 9.53 -18.46 3.69
N THR B 156 8.98 -18.22 4.88
CA THR B 156 9.60 -17.35 5.88
C THR B 156 10.89 -17.92 6.48
N ARG B 157 11.09 -19.25 6.34
CA ARG B 157 12.29 -19.95 6.80
C ARG B 157 13.47 -19.57 5.90
N ASN B 158 13.19 -19.26 4.61
CA ASN B 158 14.19 -18.86 3.63
C ASN B 158 14.85 -17.49 3.91
N PHE B 159 14.43 -16.79 4.98
CA PHE B 159 14.99 -15.50 5.38
C PHE B 159 16.18 -15.68 6.33
N GLN B 160 16.11 -16.66 7.25
CA GLN B 160 17.17 -16.97 8.21
C GLN B 160 18.37 -17.61 7.52
#